data_5POD
#
_entry.id   5POD
#
_cell.length_a   55.438
_cell.length_b   56.193
_cell.length_c   101.142
_cell.angle_alpha   90.000
_cell.angle_beta   90.000
_cell.angle_gamma   90.000
#
_symmetry.space_group_name_H-M   'P 21 21 21'
#
loop_
_entity.id
_entity.type
_entity.pdbx_description
1 polymer 'Bromodomain-containing protein 1'
2 non-polymer 6-amino-1-methylquinolin-2(1H)-one
3 non-polymer 'SODIUM ION'
4 non-polymer 1,2-ETHANEDIOL
5 water water
#
_entity_poly.entity_id   1
_entity_poly.type   'polypeptide(L)'
_entity_poly.pdbx_seq_one_letter_code
;MHHHHHHSSGVDLGTENLYFQSMEQVAMELRLTELTRLLRSVLDQLQDKDPARIFAQPVSLKEVPDYLDHIKHPMDFATM
RKRLEAQGYKNLHEFEEDFDLIIDNCMKYNARDTVFYRAAVRLRDQGGVVLRQARREVDSIGLEEASGMHLPERPA
;
_entity_poly.pdbx_strand_id   A,B
#
# COMPACT_ATOMS: atom_id res chain seq x y z
N SER A 22 3.37 -17.29 -32.64
CA SER A 22 3.01 -16.18 -33.51
C SER A 22 4.07 -15.09 -33.44
N MET A 23 4.15 -14.26 -34.50
CA MET A 23 5.09 -13.16 -34.51
CA MET A 23 5.11 -13.17 -34.52
C MET A 23 4.74 -12.14 -33.43
N GLU A 24 3.44 -11.95 -33.21
CA GLU A 24 2.95 -11.01 -32.20
C GLU A 24 3.45 -11.37 -30.81
N GLN A 25 3.35 -12.66 -30.45
CA GLN A 25 3.81 -13.12 -29.15
CA GLN A 25 3.82 -13.14 -29.16
C GLN A 25 5.30 -12.85 -28.97
N VAL A 26 6.09 -13.13 -30.01
CA VAL A 26 7.52 -12.87 -30.00
C VAL A 26 7.84 -11.38 -29.79
N ALA A 27 7.06 -10.53 -30.47
CA ALA A 27 7.25 -9.09 -30.36
C ALA A 27 6.95 -8.63 -28.94
N MET A 28 5.89 -9.19 -28.37
CA MET A 28 5.53 -8.93 -26.97
C MET A 28 6.65 -9.35 -26.04
N GLU A 29 7.19 -10.52 -26.31
CA GLU A 29 8.28 -11.06 -25.48
C GLU A 29 9.54 -10.21 -25.62
N LEU A 30 9.77 -9.67 -26.80
CA LEU A 30 10.92 -8.79 -27.00
C LEU A 30 10.78 -7.51 -26.18
N ARG A 31 9.57 -6.96 -26.15
CA ARG A 31 9.28 -5.75 -25.38
C ARG A 31 9.51 -6.01 -23.89
N LEU A 32 9.01 -7.14 -23.40
CA LEU A 32 9.21 -7.53 -22.02
C LEU A 32 10.70 -7.68 -21.70
N THR A 33 11.43 -8.30 -22.62
CA THR A 33 12.86 -8.47 -22.46
C THR A 33 13.55 -7.11 -22.37
N GLU A 34 13.09 -6.18 -23.19
CA GLU A 34 13.62 -4.81 -23.17
C GLU A 34 13.28 -4.13 -21.86
N LEU A 35 12.05 -4.32 -21.39
CA LEU A 35 11.66 -3.74 -20.11
C LEU A 35 12.54 -4.30 -19.00
N THR A 36 12.78 -5.61 -19.04
CA THR A 36 13.60 -6.28 -18.04
C THR A 36 15.02 -5.71 -18.03
N ARG A 37 15.55 -5.44 -19.21
CA ARG A 37 16.87 -4.83 -19.33
C ARG A 37 16.91 -3.46 -18.67
N LEU A 38 15.88 -2.65 -18.92
CA LEU A 38 15.80 -1.31 -18.34
C LEU A 38 15.64 -1.38 -16.82
N LEU A 39 14.77 -2.27 -16.36
CA LEU A 39 14.52 -2.43 -14.93
C LEU A 39 15.74 -2.99 -14.20
N ARG A 40 16.56 -3.77 -14.90
CA ARG A 40 17.80 -4.26 -14.31
C ARG A 40 18.73 -3.08 -14.02
N SER A 41 18.77 -2.12 -14.94
CA SER A 41 19.56 -0.91 -14.76
C SER A 41 19.02 -0.07 -13.60
N VAL A 42 17.71 0.12 -13.58
CA VAL A 42 17.04 0.85 -12.49
C VAL A 42 17.33 0.18 -11.15
N LEU A 43 17.22 -1.14 -11.09
CA LEU A 43 17.45 -1.88 -9.86
C LEU A 43 18.89 -1.68 -9.36
N ASP A 44 19.85 -1.68 -10.28
CA ASP A 44 21.24 -1.48 -9.87
C ASP A 44 21.44 -0.07 -9.32
N GLN A 45 20.81 0.91 -9.95
CA GLN A 45 20.92 2.28 -9.51
C GLN A 45 20.26 2.47 -8.14
N LEU A 46 19.11 1.85 -7.95
CA LEU A 46 18.42 1.95 -6.65
C LEU A 46 19.23 1.29 -5.55
N GLN A 47 19.78 0.12 -5.83
CA GLN A 47 20.53 -0.60 -4.80
C GLN A 47 21.83 0.13 -4.44
N ASP A 48 22.35 0.92 -5.38
CA ASP A 48 23.52 1.75 -5.07
C ASP A 48 23.21 2.79 -3.99
N LYS A 49 21.93 3.09 -3.78
CA LYS A 49 21.55 4.08 -2.77
C LYS A 49 21.33 3.43 -1.40
N ASP A 50 21.72 2.16 -1.31
CA ASP A 50 21.72 1.39 -0.06
C ASP A 50 23.13 0.84 0.15
N PRO A 51 24.09 1.75 0.40
CA PRO A 51 25.45 1.24 0.50
C PRO A 51 25.68 0.36 1.73
N ALA A 52 24.82 0.49 2.74
CA ALA A 52 24.94 -0.35 3.93
C ALA A 52 24.45 -1.79 3.70
N ARG A 53 23.83 -2.03 2.55
CA ARG A 53 23.21 -3.31 2.20
C ARG A 53 22.16 -3.77 3.23
N ILE A 54 21.50 -2.80 3.84
CA ILE A 54 20.44 -3.10 4.81
C ILE A 54 19.26 -3.82 4.13
N PHE A 55 19.02 -3.50 2.87
CA PHE A 55 17.88 -4.04 2.14
C PHE A 55 18.26 -5.08 1.08
N ALA A 56 19.49 -5.58 1.16
CA ALA A 56 20.01 -6.49 0.15
C ALA A 56 19.35 -7.86 0.19
N GLN A 57 18.99 -8.33 1.39
CA GLN A 57 18.48 -9.67 1.58
C GLN A 57 17.18 -9.67 2.39
N PRO A 58 16.39 -10.76 2.32
CA PRO A 58 15.20 -10.81 3.16
C PRO A 58 15.54 -10.66 4.64
N VAL A 59 14.71 -9.97 5.41
CA VAL A 59 14.88 -9.97 6.87
C VAL A 59 14.82 -11.41 7.36
N SER A 60 15.83 -11.83 8.11
CA SER A 60 15.93 -13.22 8.57
C SER A 60 14.87 -13.57 9.60
N LEU A 61 14.05 -14.58 9.29
CA LEU A 61 12.99 -14.98 10.20
C LEU A 61 13.56 -15.82 11.33
N LYS A 62 14.78 -16.32 11.15
CA LYS A 62 15.47 -17.00 12.24
C LYS A 62 15.91 -15.98 13.27
N GLU A 63 16.44 -14.86 12.79
CA GLU A 63 16.97 -13.81 13.67
C GLU A 63 15.89 -12.81 14.14
N VAL A 64 14.82 -12.66 13.37
CA VAL A 64 13.70 -11.79 13.74
C VAL A 64 12.41 -12.60 13.66
N PRO A 65 12.17 -13.47 14.67
CA PRO A 65 11.12 -14.47 14.60
C PRO A 65 9.71 -13.88 14.55
N ASP A 66 9.52 -12.64 15.02
CA ASP A 66 8.18 -12.08 15.04
C ASP A 66 7.90 -11.23 13.79
N TYR A 67 8.85 -11.20 12.85
CA TYR A 67 8.76 -10.24 11.75
C TYR A 67 7.44 -10.34 10.96
N LEU A 68 6.99 -11.56 10.68
CA LEU A 68 5.77 -11.76 9.88
C LEU A 68 4.50 -11.43 10.67
N ASP A 69 4.60 -11.30 11.99
CA ASP A 69 3.45 -10.82 12.76
C ASP A 69 3.21 -9.35 12.48
N HIS A 70 4.27 -8.66 12.07
CA HIS A 70 4.20 -7.22 11.81
C HIS A 70 4.03 -6.90 10.34
N ILE A 71 4.83 -7.56 9.51
CA ILE A 71 4.92 -7.27 8.09
C ILE A 71 4.32 -8.38 7.26
N LYS A 72 3.25 -8.08 6.55
CA LYS A 72 2.54 -9.14 5.82
C LYS A 72 3.11 -9.43 4.44
N HIS A 73 3.84 -8.47 3.87
CA HIS A 73 4.46 -8.69 2.57
C HIS A 73 5.91 -8.24 2.54
N PRO A 74 6.80 -9.08 3.06
CA PRO A 74 8.23 -8.77 3.06
C PRO A 74 8.78 -8.57 1.65
N MET A 75 9.80 -7.72 1.54
CA MET A 75 10.47 -7.52 0.26
C MET A 75 11.91 -7.09 0.51
N ASP A 76 12.76 -7.35 -0.48
CA ASP A 76 14.17 -6.99 -0.40
C ASP A 76 14.75 -7.01 -1.82
N PHE A 77 15.96 -6.53 -2.00
CA PHE A 77 16.54 -6.43 -3.35
C PHE A 77 16.81 -7.79 -3.99
N ALA A 78 17.21 -8.78 -3.20
CA ALA A 78 17.53 -10.09 -3.77
C ALA A 78 16.27 -10.73 -4.31
N THR A 79 15.18 -10.58 -3.58
CA THR A 79 13.90 -11.12 -3.99
C THR A 79 13.40 -10.41 -5.25
N MET A 80 13.59 -9.09 -5.32
CA MET A 80 13.23 -8.35 -6.54
C MET A 80 14.06 -8.84 -7.73
N ARG A 81 15.33 -9.08 -7.50
CA ARG A 81 16.21 -9.48 -8.59
C ARG A 81 15.80 -10.85 -9.13
N LYS A 82 15.37 -11.75 -8.23
CA LYS A 82 14.90 -13.06 -8.67
C LYS A 82 13.68 -12.94 -9.58
N ARG A 83 12.72 -12.10 -9.17
CA ARG A 83 11.53 -11.88 -9.97
C ARG A 83 11.89 -11.22 -11.30
N LEU A 84 12.80 -10.25 -11.25
CA LEU A 84 13.23 -9.54 -12.46
C LEU A 84 13.82 -10.49 -13.50
N GLU A 85 14.68 -11.39 -13.03
CA GLU A 85 15.38 -12.29 -13.95
C GLU A 85 14.44 -13.35 -14.53
N ALA A 86 13.31 -13.57 -13.86
CA ALA A 86 12.26 -14.44 -14.39
C ALA A 86 11.30 -13.64 -15.25
N GLN A 87 11.69 -12.40 -15.60
CA GLN A 87 10.83 -11.47 -16.34
C GLN A 87 9.44 -11.35 -15.71
N GLY A 88 9.40 -11.25 -14.39
CA GLY A 88 8.15 -11.25 -13.64
C GLY A 88 7.55 -9.88 -13.38
N TYR A 89 8.21 -8.83 -13.86
CA TYR A 89 7.63 -7.49 -13.83
C TYR A 89 7.12 -7.10 -15.22
N LYS A 90 5.81 -7.00 -15.36
CA LYS A 90 5.19 -6.73 -16.66
C LYS A 90 5.21 -5.24 -17.01
N ASN A 91 5.34 -4.40 -16.00
CA ASN A 91 5.38 -2.96 -16.19
C ASN A 91 6.14 -2.33 -15.04
N LEU A 92 6.40 -1.02 -15.14
CA LEU A 92 7.18 -0.34 -14.11
C LEU A 92 6.41 -0.21 -12.80
N HIS A 93 5.09 -0.08 -12.87
CA HIS A 93 4.30 0.05 -11.65
C HIS A 93 4.51 -1.14 -10.70
N GLU A 94 4.54 -2.34 -11.27
CA GLU A 94 4.71 -3.55 -10.47
C GLU A 94 6.08 -3.56 -9.78
N PHE A 95 7.09 -3.09 -10.49
CA PHE A 95 8.45 -2.97 -9.97
C PHE A 95 8.48 -1.93 -8.84
N GLU A 96 7.85 -0.79 -9.09
CA GLU A 96 7.76 0.26 -8.06
C GLU A 96 7.02 -0.19 -6.80
N GLU A 97 5.99 -1.01 -6.97
N GLU A 97 6.00 -1.01 -6.96
CA GLU A 97 5.25 -1.52 -5.82
CA GLU A 97 5.25 -1.50 -5.80
C GLU A 97 6.16 -2.30 -4.88
C GLU A 97 6.13 -2.35 -4.88
N ASP A 98 7.04 -3.12 -5.46
CA ASP A 98 7.95 -3.94 -4.66
C ASP A 98 9.03 -3.08 -4.01
N PHE A 99 9.55 -2.09 -4.74
CA PHE A 99 10.50 -1.16 -4.14
C PHE A 99 9.87 -0.42 -2.96
N ASP A 100 8.65 0.05 -3.14
CA ASP A 100 7.94 0.74 -2.06
C ASP A 100 7.72 -0.16 -0.84
N LEU A 101 7.51 -1.46 -1.06
CA LEU A 101 7.39 -2.40 0.06
C LEU A 101 8.65 -2.42 0.91
N ILE A 102 9.80 -2.38 0.25
CA ILE A 102 11.05 -2.42 1.00
C ILE A 102 11.11 -1.27 1.99
N ILE A 103 10.81 -0.09 1.46
CA ILE A 103 10.83 1.15 2.24
CA ILE A 103 10.85 1.14 2.25
C ILE A 103 9.75 1.18 3.32
N ASP A 104 8.53 0.92 2.88
CA ASP A 104 7.38 1.06 3.76
C ASP A 104 7.39 0.04 4.88
N ASN A 105 7.82 -1.19 4.58
CA ASN A 105 7.90 -2.20 5.63
C ASN A 105 8.87 -1.76 6.72
N CYS A 106 10.01 -1.25 6.28
CA CYS A 106 11.07 -0.84 7.19
C CYS A 106 10.64 0.33 8.07
N MET A 107 9.91 1.27 7.47
CA MET A 107 9.50 2.46 8.23
C MET A 107 8.38 2.15 9.19
N LYS A 108 7.78 0.96 9.10
CA LYS A 108 6.79 0.55 10.09
CA LYS A 108 6.79 0.53 10.08
C LYS A 108 7.43 -0.28 11.21
N TYR A 109 8.28 -1.25 10.83
CA TYR A 109 8.86 -2.14 11.84
C TYR A 109 9.83 -1.41 12.76
N ASN A 110 10.57 -0.46 12.20
CA ASN A 110 11.61 0.21 12.94
C ASN A 110 11.20 1.63 13.30
N ALA A 111 11.63 2.10 14.46
CA ALA A 111 11.30 3.44 14.90
C ALA A 111 12.13 4.49 14.18
N ARG A 112 11.66 5.74 14.22
CA ARG A 112 12.35 6.85 13.55
C ARG A 112 13.80 7.04 13.92
N ASP A 113 14.15 6.73 15.16
CA ASP A 113 15.50 6.97 15.65
C ASP A 113 16.42 5.77 15.42
N THR A 114 16.15 4.99 14.38
CA THR A 114 16.99 3.83 14.10
C THR A 114 17.71 3.97 12.76
N VAL A 115 18.84 3.29 12.66
CA VAL A 115 19.63 3.31 11.44
C VAL A 115 18.84 2.67 10.29
N PHE A 116 17.95 1.74 10.64
CA PHE A 116 17.12 1.08 9.63
C PHE A 116 16.11 2.05 9.01
N TYR A 117 15.34 2.73 9.86
CA TYR A 117 14.34 3.67 9.37
C TYR A 117 15.01 4.76 8.55
N ARG A 118 16.13 5.30 9.05
CA ARG A 118 16.79 6.39 8.36
C ARG A 118 17.39 5.93 7.02
N ALA A 119 17.82 4.68 6.95
CA ALA A 119 18.32 4.14 5.69
C ALA A 119 17.19 4.07 4.66
N ALA A 120 16.00 3.72 5.12
CA ALA A 120 14.85 3.62 4.22
C ALA A 120 14.46 5.01 3.70
N VAL A 121 14.52 6.01 4.57
CA VAL A 121 14.16 7.36 4.16
C VAL A 121 15.12 7.85 3.07
N ARG A 122 16.41 7.62 3.29
CA ARG A 122 17.41 8.04 2.30
C ARG A 122 17.25 7.28 0.99
N LEU A 123 16.94 5.99 1.08
CA LEU A 123 16.72 5.19 -0.12
C LEU A 123 15.50 5.70 -0.90
N ARG A 124 14.42 6.03 -0.19
CA ARG A 124 13.23 6.57 -0.81
CA ARG A 124 13.24 6.56 -0.84
C ARG A 124 13.52 7.89 -1.53
N ASP A 125 14.20 8.78 -0.82
CA ASP A 125 14.45 10.12 -1.34
C ASP A 125 15.36 10.07 -2.56
N GLN A 126 16.43 9.29 -2.47
CA GLN A 126 17.39 9.19 -3.58
C GLN A 126 16.86 8.35 -4.72
N GLY A 127 16.04 7.36 -4.40
CA GLY A 127 15.48 6.48 -5.40
C GLY A 127 14.42 7.17 -6.25
N GLY A 128 13.73 8.14 -5.65
CA GLY A 128 12.69 8.88 -6.34
C GLY A 128 13.19 9.53 -7.62
N VAL A 129 14.41 10.05 -7.57
CA VAL A 129 15.06 10.67 -8.72
C VAL A 129 15.21 9.69 -9.88
N VAL A 130 15.70 8.49 -9.56
CA VAL A 130 15.92 7.42 -10.53
C VAL A 130 14.60 6.97 -11.16
N LEU A 131 13.59 6.77 -10.32
CA LEU A 131 12.29 6.29 -10.78
C LEU A 131 11.56 7.33 -11.61
N ARG A 132 11.80 8.61 -11.31
CA ARG A 132 11.18 9.68 -12.05
C ARG A 132 11.59 9.64 -13.51
N GLN A 133 12.87 9.39 -13.76
CA GLN A 133 13.36 9.39 -15.14
C GLN A 133 13.04 8.05 -15.80
N ALA A 134 13.03 6.97 -15.01
CA ALA A 134 12.69 5.65 -15.51
C ALA A 134 11.26 5.64 -16.07
N ARG A 135 10.36 6.34 -15.39
CA ARG A 135 8.99 6.47 -15.88
C ARG A 135 8.93 7.16 -17.24
N ARG A 136 9.72 8.21 -17.40
CA ARG A 136 9.76 8.91 -18.68
C ARG A 136 10.32 8.00 -19.78
N GLU A 137 11.34 7.20 -19.43
CA GLU A 137 11.99 6.30 -20.39
C GLU A 137 11.11 5.15 -20.84
N VAL A 138 10.33 4.60 -19.90
CA VAL A 138 9.41 3.53 -20.24
C VAL A 138 8.32 4.06 -21.18
N ASP A 139 7.81 5.25 -20.86
CA ASP A 139 6.78 5.88 -21.68
C ASP A 139 7.28 6.26 -23.09
N SER A 140 8.44 6.88 -23.17
CA SER A 140 8.93 7.38 -24.45
C SER A 140 9.33 6.24 -25.39
N ILE A 141 9.96 5.21 -24.84
CA ILE A 141 10.34 4.05 -25.65
C ILE A 141 9.14 3.16 -25.93
N GLY A 142 8.16 3.19 -25.01
CA GLY A 142 6.96 2.39 -25.15
C GLY A 142 7.19 0.93 -24.81
N LEU A 143 7.53 0.68 -23.55
CA LEU A 143 7.85 -0.68 -23.11
C LEU A 143 6.73 -1.34 -22.31
N GLU A 144 5.56 -0.71 -22.31
CA GLU A 144 4.42 -1.24 -21.54
C GLU A 144 3.11 -1.00 -22.26
N SER B 22 -33.17 4.52 -19.02
CA SER B 22 -32.85 3.21 -19.57
C SER B 22 -32.60 2.22 -18.45
N MET B 23 -32.70 0.94 -18.77
N MET B 23 -32.72 0.93 -18.76
CA MET B 23 -32.44 -0.10 -17.79
CA MET B 23 -32.45 -0.09 -17.75
C MET B 23 -30.98 -0.08 -17.34
C MET B 23 -30.98 -0.07 -17.33
N GLU B 24 -30.10 0.37 -18.22
CA GLU B 24 -28.68 0.49 -17.90
C GLU B 24 -28.48 1.54 -16.79
N GLN B 25 -29.24 2.63 -16.85
CA GLN B 25 -29.18 3.66 -15.81
C GLN B 25 -29.74 3.13 -14.50
N VAL B 26 -30.84 2.40 -14.59
CA VAL B 26 -31.42 1.80 -13.39
C VAL B 26 -30.41 0.86 -12.73
N ALA B 27 -29.77 0.01 -13.52
CA ALA B 27 -28.82 -0.94 -12.95
C ALA B 27 -27.62 -0.22 -12.31
N MET B 28 -27.16 0.84 -12.95
CA MET B 28 -26.01 1.57 -12.39
C MET B 28 -26.35 2.23 -11.07
N GLU B 29 -27.55 2.82 -10.99
CA GLU B 29 -27.97 3.43 -9.75
C GLU B 29 -28.18 2.38 -8.66
N LEU B 30 -28.72 1.21 -9.01
CA LEU B 30 -28.80 0.12 -8.04
C LEU B 30 -27.43 -0.32 -7.52
N ARG B 31 -26.45 -0.43 -8.42
CA ARG B 31 -25.11 -0.86 -7.99
C ARG B 31 -24.50 0.20 -7.08
N LEU B 32 -24.74 1.46 -7.42
CA LEU B 32 -24.23 2.57 -6.59
C LEU B 32 -24.82 2.51 -5.19
N THR B 33 -26.13 2.32 -5.11
CA THR B 33 -26.74 2.36 -3.79
CA THR B 33 -26.84 2.30 -3.84
C THR B 33 -26.41 1.12 -2.98
N GLU B 34 -26.25 -0.03 -3.63
CA GLU B 34 -25.88 -1.24 -2.92
C GLU B 34 -24.43 -1.21 -2.46
N LEU B 35 -23.54 -0.67 -3.29
CA LEU B 35 -22.16 -0.46 -2.84
C LEU B 35 -22.13 0.44 -1.61
N THR B 36 -22.90 1.52 -1.63
CA THR B 36 -22.91 2.44 -0.51
C THR B 36 -23.42 1.76 0.76
N ARG B 37 -24.48 0.96 0.64
CA ARG B 37 -25.00 0.20 1.77
CA ARG B 37 -25.00 0.20 1.78
C ARG B 37 -23.93 -0.71 2.37
N LEU B 38 -23.24 -1.44 1.50
CA LEU B 38 -22.17 -2.34 1.93
C LEU B 38 -21.04 -1.59 2.63
N LEU B 39 -20.57 -0.50 2.02
CA LEU B 39 -19.46 0.25 2.62
C LEU B 39 -19.86 0.89 3.94
N ARG B 40 -21.11 1.34 4.04
CA ARG B 40 -21.56 1.90 5.31
C ARG B 40 -21.52 0.82 6.39
N SER B 41 -21.91 -0.39 6.04
CA SER B 41 -21.89 -1.50 7.01
C SER B 41 -20.46 -1.83 7.40
N VAL B 42 -19.57 -1.87 6.40
CA VAL B 42 -18.15 -2.14 6.66
C VAL B 42 -17.58 -1.08 7.58
N LEU B 43 -17.82 0.19 7.25
CA LEU B 43 -17.28 1.26 8.09
C LEU B 43 -17.82 1.21 9.52
N ASP B 44 -19.10 0.91 9.68
N ASP B 44 -19.10 0.89 9.67
CA ASP B 44 -19.67 0.80 11.02
CA ASP B 44 -19.70 0.78 11.00
C ASP B 44 -19.04 -0.35 11.79
C ASP B 44 -19.03 -0.34 11.79
N GLN B 45 -18.78 -1.46 11.11
CA GLN B 45 -18.13 -2.60 11.76
C GLN B 45 -16.71 -2.27 12.19
N LEU B 46 -16.00 -1.52 11.34
CA LEU B 46 -14.63 -1.15 11.67
C LEU B 46 -14.60 -0.21 12.86
N GLN B 47 -15.46 0.80 12.87
CA GLN B 47 -15.48 1.74 13.98
C GLN B 47 -15.90 1.10 15.30
N ASP B 48 -16.79 0.12 15.25
CA ASP B 48 -17.26 -0.51 16.48
CA ASP B 48 -17.27 -0.53 16.47
C ASP B 48 -16.12 -1.25 17.18
N LYS B 49 -15.06 -1.54 16.42
CA LYS B 49 -13.88 -2.21 16.95
C LYS B 49 -12.88 -1.24 17.57
N ASP B 50 -13.20 0.04 17.52
CA ASP B 50 -12.30 1.09 18.04
C ASP B 50 -13.05 1.93 19.09
N PRO B 51 -13.43 1.30 20.22
CA PRO B 51 -14.19 2.07 21.22
C PRO B 51 -13.38 3.17 21.89
N ALA B 52 -12.06 3.10 21.83
CA ALA B 52 -11.22 4.18 22.37
C ALA B 52 -11.16 5.36 21.41
N ARG B 53 -11.78 5.21 20.23
CA ARG B 53 -11.87 6.28 19.24
CA ARG B 53 -11.87 6.29 19.24
C ARG B 53 -10.49 6.78 18.81
N ILE B 54 -9.52 5.88 18.80
CA ILE B 54 -8.17 6.22 18.40
C ILE B 54 -8.09 6.66 16.93
N PHE B 55 -8.93 6.05 16.10
CA PHE B 55 -8.91 6.32 14.66
C PHE B 55 -10.15 7.06 14.19
N ALA B 56 -10.92 7.61 15.13
CA ALA B 56 -12.23 8.15 14.81
C ALA B 56 -12.15 9.52 14.11
N GLN B 57 -11.10 10.27 14.42
CA GLN B 57 -10.97 11.65 13.98
C GLN B 57 -9.55 11.93 13.52
N PRO B 58 -9.36 13.00 12.74
CA PRO B 58 -7.97 13.35 12.40
C PRO B 58 -7.11 13.51 13.63
N VAL B 59 -5.85 13.04 13.56
CA VAL B 59 -4.90 13.25 14.63
C VAL B 59 -4.76 14.76 14.82
N SER B 60 -4.82 15.22 16.06
CA SER B 60 -4.77 16.64 16.34
C SER B 60 -3.35 17.20 16.24
N LEU B 61 -3.16 18.19 15.36
CA LEU B 61 -1.85 18.83 15.23
C LEU B 61 -1.49 19.63 16.47
N LYS B 62 -2.50 20.05 17.21
CA LYS B 62 -2.25 20.74 18.47
C LYS B 62 -1.59 19.78 19.44
N GLU B 63 -2.13 18.57 19.54
CA GLU B 63 -1.63 17.56 20.47
CA GLU B 63 -1.61 17.58 20.48
C GLU B 63 -0.38 16.87 19.94
N VAL B 64 -0.28 16.75 18.62
CA VAL B 64 0.86 16.06 18.01
C VAL B 64 1.50 16.95 16.94
N PRO B 65 2.26 17.97 17.40
CA PRO B 65 2.80 18.99 16.49
C PRO B 65 3.65 18.46 15.34
N ASP B 66 4.30 17.30 15.52
CA ASP B 66 5.19 16.80 14.48
C ASP B 66 4.54 15.77 13.56
N TYR B 67 3.23 15.58 13.70
CA TYR B 67 2.57 14.52 12.94
C TYR B 67 2.77 14.63 11.44
N LEU B 68 2.60 15.83 10.89
CA LEU B 68 2.73 16.02 9.45
C LEU B 68 4.17 16.12 8.95
N ASP B 69 5.14 16.17 9.86
CA ASP B 69 6.55 16.01 9.48
C ASP B 69 6.74 14.63 8.85
N HIS B 70 5.93 13.68 9.29
CA HIS B 70 6.15 12.27 9.00
C HIS B 70 5.05 11.65 8.19
N ILE B 71 3.82 12.10 8.41
CA ILE B 71 2.68 11.50 7.73
C ILE B 71 2.19 12.44 6.63
N LYS B 72 2.29 12.00 5.38
CA LYS B 72 1.96 12.87 4.26
C LYS B 72 0.48 12.85 3.87
N HIS B 73 -0.20 11.75 4.14
CA HIS B 73 -1.62 11.67 3.83
C HIS B 73 -2.42 11.14 5.02
N PRO B 74 -2.78 12.02 5.96
CA PRO B 74 -3.58 11.65 7.14
C PRO B 74 -4.92 11.05 6.75
N MET B 75 -5.40 10.09 7.53
CA MET B 75 -6.73 9.54 7.29
C MET B 75 -7.31 9.07 8.63
N ASP B 76 -8.64 9.00 8.69
CA ASP B 76 -9.36 8.65 9.91
C ASP B 76 -10.77 8.27 9.51
N PHE B 77 -11.52 7.68 10.43
CA PHE B 77 -12.84 7.13 10.09
C PHE B 77 -13.86 8.22 9.74
N ALA B 78 -13.76 9.39 10.37
CA ALA B 78 -14.73 10.46 10.10
C ALA B 78 -14.54 10.99 8.69
N THR B 79 -13.28 11.12 8.28
CA THR B 79 -12.98 11.56 6.92
C THR B 79 -13.45 10.51 5.92
N MET B 80 -13.31 9.22 6.25
CA MET B 80 -13.83 8.18 5.37
C MET B 80 -15.36 8.23 5.28
N ARG B 81 -16.02 8.49 6.39
CA ARG B 81 -17.49 8.56 6.38
C ARG B 81 -17.98 9.72 5.52
N LYS B 82 -17.25 10.84 5.58
CA LYS B 82 -17.58 12.02 4.78
C LYS B 82 -17.49 11.69 3.31
N ARG B 83 -16.40 11.04 2.92
CA ARG B 83 -16.21 10.64 1.54
C ARG B 83 -17.26 9.63 1.09
N LEU B 84 -17.54 8.65 1.94
CA LEU B 84 -18.56 7.67 1.64
C LEU B 84 -19.92 8.31 1.37
N GLU B 85 -20.39 9.17 2.28
CA GLU B 85 -21.74 9.69 2.18
C GLU B 85 -21.86 10.72 1.08
N ALA B 86 -20.72 11.22 0.62
CA ALA B 86 -20.68 12.19 -0.48
C ALA B 86 -20.54 11.50 -1.84
N GLN B 87 -20.68 10.18 -1.85
CA GLN B 87 -20.57 9.38 -3.06
C GLN B 87 -19.15 9.41 -3.66
N GLY B 88 -18.15 9.53 -2.79
CA GLY B 88 -16.77 9.64 -3.23
C GLY B 88 -15.99 8.33 -3.36
N TYR B 89 -16.61 7.21 -3.00
CA TYR B 89 -15.98 5.90 -3.25
C TYR B 89 -16.63 5.24 -4.44
N LYS B 90 -15.86 5.06 -5.51
CA LYS B 90 -16.37 4.45 -6.73
C LYS B 90 -16.43 2.93 -6.64
N ASN B 91 -15.59 2.35 -5.77
CA ASN B 91 -15.52 0.91 -5.64
C ASN B 91 -14.93 0.53 -4.28
N LEU B 92 -14.94 -0.76 -3.96
CA LEU B 92 -14.43 -1.22 -2.67
C LEU B 92 -12.94 -0.95 -2.51
N HIS B 93 -12.18 -1.08 -3.60
CA HIS B 93 -10.75 -0.87 -3.52
C HIS B 93 -10.40 0.54 -3.02
N GLU B 94 -11.11 1.57 -3.50
CA GLU B 94 -10.85 2.93 -3.07
C GLU B 94 -11.07 3.08 -1.56
N PHE B 95 -12.11 2.42 -1.05
CA PHE B 95 -12.40 2.38 0.38
C PHE B 95 -11.25 1.65 1.12
N GLU B 96 -10.85 0.50 0.59
CA GLU B 96 -9.74 -0.26 1.17
CA GLU B 96 -9.75 -0.27 1.17
C GLU B 96 -8.47 0.57 1.29
N GLU B 97 -8.19 1.35 0.24
CA GLU B 97 -7.00 2.19 0.25
C GLU B 97 -7.00 3.20 1.38
N ASP B 98 -8.15 3.80 1.68
CA ASP B 98 -8.23 4.75 2.79
C ASP B 98 -8.09 4.03 4.14
N PHE B 99 -8.67 2.84 4.27
CA PHE B 99 -8.51 2.07 5.52
C PHE B 99 -7.03 1.73 5.72
N ASP B 100 -6.38 1.30 4.65
CA ASP B 100 -4.95 0.96 4.73
C ASP B 100 -4.13 2.19 5.13
N LEU B 101 -4.54 3.39 4.70
CA LEU B 101 -3.85 4.62 5.12
C LEU B 101 -3.91 4.79 6.63
N ILE B 102 -5.09 4.57 7.19
CA ILE B 102 -5.23 4.68 8.64
C ILE B 102 -4.25 3.77 9.37
N ILE B 103 -4.20 2.52 8.93
CA ILE B 103 -3.36 1.51 9.54
C ILE B 103 -1.89 1.83 9.31
N ASP B 104 -1.56 2.13 8.06
CA ASP B 104 -0.15 2.33 7.69
C ASP B 104 0.42 3.58 8.34
N ASN B 105 -0.36 4.65 8.38
CA ASN B 105 0.10 5.88 9.04
C ASN B 105 0.43 5.62 10.50
N CYS B 106 -0.41 4.83 11.16
CA CYS B 106 -0.24 4.55 12.58
C CYS B 106 0.97 3.66 12.83
N MET B 107 1.15 2.65 11.99
CA MET B 107 2.32 1.78 12.15
C MET B 107 3.60 2.50 11.81
N LYS B 108 3.54 3.50 10.91
CA LYS B 108 4.71 4.28 10.56
CA LYS B 108 4.69 4.30 10.57
C LYS B 108 5.05 5.31 11.65
N TYR B 109 4.04 5.99 12.17
CA TYR B 109 4.31 7.04 13.16
C TYR B 109 4.72 6.49 14.54
N ASN B 110 4.11 5.38 14.96
CA ASN B 110 4.37 4.85 16.28
C ASN B 110 5.37 3.70 16.29
N ALA B 111 6.19 3.62 17.33
CA ALA B 111 7.09 2.48 17.50
C ALA B 111 6.32 1.20 17.74
N ARG B 112 6.89 0.06 17.36
CA ARG B 112 6.11 -1.18 17.36
C ARG B 112 5.74 -1.62 18.77
N ASP B 113 6.54 -1.30 19.77
CA ASP B 113 6.22 -1.69 21.14
C ASP B 113 5.45 -0.56 21.83
N THR B 114 4.28 -0.23 21.27
CA THR B 114 3.40 0.80 21.83
C THR B 114 1.93 0.39 21.72
N VAL B 115 1.10 1.01 22.54
CA VAL B 115 -0.31 0.68 22.55
C VAL B 115 -0.99 1.06 21.24
N PHE B 116 -0.70 2.25 20.70
CA PHE B 116 -1.37 2.63 19.45
C PHE B 116 -0.90 1.79 18.25
N TYR B 117 0.39 1.44 18.19
CA TYR B 117 0.83 0.55 17.12
C TYR B 117 0.11 -0.78 17.21
N ARG B 118 0.02 -1.34 18.43
CA ARG B 118 -0.68 -2.60 18.57
C ARG B 118 -2.17 -2.46 18.25
N ALA B 119 -2.77 -1.30 18.53
CA ALA B 119 -4.16 -1.09 18.13
C ALA B 119 -4.31 -1.15 16.60
N ALA B 120 -3.31 -0.61 15.89
CA ALA B 120 -3.38 -0.61 14.43
C ALA B 120 -3.24 -2.03 13.89
N VAL B 121 -2.33 -2.79 14.48
CA VAL B 121 -2.18 -4.19 14.08
C VAL B 121 -3.45 -5.00 14.37
N ARG B 122 -4.08 -4.74 15.52
CA ARG B 122 -5.35 -5.36 15.86
C ARG B 122 -6.44 -5.03 14.85
N LEU B 123 -6.62 -3.75 14.55
CA LEU B 123 -7.61 -3.31 13.59
C LEU B 123 -7.29 -3.80 12.17
N ARG B 124 -6.01 -3.89 11.84
CA ARG B 124 -5.60 -4.43 10.54
C ARG B 124 -6.08 -5.88 10.39
N ASP B 125 -5.86 -6.70 11.41
CA ASP B 125 -6.27 -8.11 11.40
C ASP B 125 -7.77 -8.22 11.27
N GLN B 126 -8.48 -7.52 12.14
CA GLN B 126 -9.92 -7.61 12.16
C GLN B 126 -10.52 -7.04 10.88
N GLY B 127 -9.98 -5.90 10.45
CA GLY B 127 -10.47 -5.21 9.29
C GLY B 127 -10.21 -5.98 8.00
N GLY B 128 -9.09 -6.68 7.96
CA GLY B 128 -8.74 -7.50 6.80
C GLY B 128 -9.81 -8.55 6.57
N VAL B 129 -10.29 -9.14 7.66
CA VAL B 129 -11.31 -10.17 7.54
C VAL B 129 -12.63 -9.53 7.07
N VAL B 130 -13.00 -8.40 7.66
CA VAL B 130 -14.21 -7.69 7.25
C VAL B 130 -14.15 -7.33 5.77
N LEU B 131 -13.01 -6.83 5.32
CA LEU B 131 -12.87 -6.42 3.93
C LEU B 131 -12.85 -7.59 2.95
N ARG B 132 -12.29 -8.72 3.36
CA ARG B 132 -12.32 -9.89 2.48
C ARG B 132 -13.74 -10.41 2.34
N GLN B 133 -14.53 -10.30 3.41
CA GLN B 133 -15.94 -10.65 3.36
C GLN B 133 -16.68 -9.66 2.48
N ALA B 134 -16.31 -8.38 2.58
CA ALA B 134 -16.91 -7.37 1.71
C ALA B 134 -16.65 -7.66 0.23
N ARG B 135 -15.45 -8.17 -0.09
CA ARG B 135 -15.11 -8.50 -1.46
C ARG B 135 -16.00 -9.64 -1.95
N ARG B 136 -16.24 -10.62 -1.08
CA ARG B 136 -17.16 -11.72 -1.42
C ARG B 136 -18.55 -11.19 -1.74
N GLU B 137 -18.99 -10.22 -0.94
CA GLU B 137 -20.31 -9.61 -1.15
C GLU B 137 -20.36 -8.78 -2.45
N VAL B 138 -19.28 -8.06 -2.74
CA VAL B 138 -19.19 -7.34 -4.01
C VAL B 138 -19.40 -8.31 -5.18
N ASP B 139 -18.75 -9.47 -5.10
CA ASP B 139 -18.89 -10.45 -6.17
C ASP B 139 -20.28 -11.08 -6.20
N SER B 140 -20.82 -11.38 -5.03
CA SER B 140 -22.14 -12.01 -4.93
C SER B 140 -23.26 -11.08 -5.38
N ILE B 141 -23.15 -9.81 -5.01
CA ILE B 141 -24.19 -8.82 -5.34
C ILE B 141 -24.04 -8.34 -6.79
N GLY B 142 -22.82 -8.41 -7.33
CA GLY B 142 -22.57 -8.00 -8.70
C GLY B 142 -22.25 -6.53 -8.86
N LEU B 143 -21.52 -5.99 -7.89
CA LEU B 143 -21.26 -4.55 -7.82
C LEU B 143 -20.13 -4.12 -8.76
N GLU B 144 -19.35 -5.06 -9.26
CA GLU B 144 -18.33 -4.73 -10.26
C GLU B 144 -18.55 -5.48 -11.58
#